data_1WYY
#
_entry.id   1WYY
#
_cell.length_a   41.983
_cell.length_b   41.983
_cell.length_c   320.544
_cell.angle_alpha   90.00
_cell.angle_beta   90.00
_cell.angle_gamma   120.00
#
_symmetry.space_group_name_H-M   'H 3'
#
loop_
_entity.id
_entity.type
_entity.pdbx_description
1 polymer 'E2 Glycoprotein'
2 non-polymer 'CHLORIDE ION'
3 water water
#
_entity_poly.entity_id   1
_entity_poly.type   'polypeptide(L)'
_entity_poly.pdbx_seq_one_letter_code
;GSAYRFNGIGVTQNVLYENQKQIANQFNKAISQIQESLTTTSTALGKLQDVVNQNAQALNTLVKQLSSNFGAISSVLNDI
LSRLDKVEAEVQIDRLITGGRGGSDVDLGDISGINASVVNIQKEIDRLNEVAKNLNESLIDLQELGKYE
;
_entity_poly.pdbx_strand_id   A,B
#
loop_
_chem_comp.id
_chem_comp.type
_chem_comp.name
_chem_comp.formula
CL non-polymer 'CHLORIDE ION' 'Cl -1'
#
# COMPACT_ATOMS: atom_id res chain seq x y z
N GLY A 8 -39.49 14.13 34.90
CA GLY A 8 -40.23 13.36 35.94
C GLY A 8 -41.50 12.72 35.39
N ILE A 9 -42.35 13.55 34.77
CA ILE A 9 -43.62 13.10 34.20
C ILE A 9 -43.45 11.79 33.41
N GLY A 10 -42.22 11.53 32.98
CA GLY A 10 -41.94 10.32 32.21
C GLY A 10 -41.00 10.63 31.07
N VAL A 11 -39.79 11.06 31.42
CA VAL A 11 -38.78 11.40 30.42
C VAL A 11 -37.46 10.68 30.63
N THR A 12 -37.13 10.38 31.88
CA THR A 12 -35.87 9.71 32.20
C THR A 12 -35.62 8.51 31.29
N GLN A 13 -36.58 7.63 31.17
CA GLN A 13 -36.44 6.44 30.33
C GLN A 13 -36.20 6.89 28.87
N ASN A 14 -36.81 8.02 28.50
CA ASN A 14 -36.68 8.56 27.14
C ASN A 14 -35.37 9.30 26.87
N VAL A 15 -34.80 9.93 27.89
CA VAL A 15 -33.55 10.66 27.73
C VAL A 15 -32.40 9.66 27.62
N LEU A 16 -32.48 8.58 28.40
CA LEU A 16 -31.45 7.54 28.38
C LEU A 16 -31.35 6.95 26.97
N TYR A 17 -32.50 6.63 26.37
CA TYR A 17 -32.52 6.06 25.03
C TYR A 17 -31.95 7.04 24.02
N GLU A 18 -32.34 8.32 24.13
CA GLU A 18 -31.84 9.32 23.21
C GLU A 18 -30.32 9.39 23.37
N ASN A 19 -29.86 9.32 24.62
CA ASN A 19 -28.43 9.36 24.87
C ASN A 19 -27.74 8.18 24.22
N GLN A 20 -28.38 7.02 24.23
CA GLN A 20 -27.78 5.83 23.62
C GLN A 20 -27.67 6.01 22.11
N LYS A 21 -28.72 6.54 21.49
CA LYS A 21 -28.69 6.75 20.06
C LYS A 21 -27.54 7.68 19.72
N GLN A 22 -27.32 8.72 20.52
CA GLN A 22 -26.20 9.65 20.24
C GLN A 22 -24.87 8.92 20.42
N ILE A 23 -24.70 8.28 21.57
CA ILE A 23 -23.48 7.54 21.86
C ILE A 23 -23.14 6.62 20.68
N ALA A 24 -24.12 5.84 20.24
CA ALA A 24 -23.93 4.93 19.12
C ALA A 24 -23.66 5.64 17.81
N ASN A 25 -24.34 6.75 17.54
CA ASN A 25 -24.10 7.47 16.30
C ASN A 25 -22.73 8.12 16.27
N GLN A 26 -22.33 8.73 17.38
CA GLN A 26 -21.03 9.39 17.49
C GLN A 26 -19.86 8.40 17.45
N PHE A 27 -20.02 7.26 18.11
CA PHE A 27 -18.97 6.23 18.12
C PHE A 27 -18.80 5.68 16.71
N ASN A 28 -19.90 5.26 16.09
CA ASN A 28 -19.83 4.70 14.74
C ASN A 28 -19.22 5.71 13.78
N LYS A 29 -19.57 6.99 13.97
CA LYS A 29 -19.04 8.03 13.12
C LYS A 29 -17.53 8.13 13.30
N ALA A 30 -17.08 8.03 14.55
CA ALA A 30 -15.65 8.08 14.86
C ALA A 30 -14.91 6.88 14.29
N ILE A 31 -15.51 5.70 14.40
CA ILE A 31 -14.87 4.50 13.86
C ILE A 31 -14.56 4.68 12.38
N SER A 32 -15.55 5.13 11.63
CA SER A 32 -15.36 5.35 10.19
C SER A 32 -14.20 6.31 9.96
N GLN A 33 -14.18 7.41 10.71
CA GLN A 33 -13.11 8.40 10.61
C GLN A 33 -11.74 7.75 10.89
N ILE A 34 -11.69 6.92 11.94
CA ILE A 34 -10.46 6.23 12.33
C ILE A 34 -10.01 5.22 11.25
N GLN A 35 -10.97 4.50 10.66
CA GLN A 35 -10.63 3.54 9.61
C GLN A 35 -9.95 4.29 8.47
N GLU A 36 -10.54 5.42 8.09
CA GLU A 36 -9.99 6.25 7.04
C GLU A 36 -8.56 6.66 7.39
N SER A 37 -8.33 7.07 8.65
CA SER A 37 -7.00 7.50 9.07
C SER A 37 -5.99 6.37 8.99
N LEU A 38 -6.42 5.17 9.37
CA LEU A 38 -5.56 4.00 9.32
C LEU A 38 -5.16 3.70 7.88
N THR A 39 -6.15 3.62 6.99
CA THR A 39 -5.86 3.33 5.59
C THR A 39 -4.93 4.40 5.01
N THR A 40 -5.16 5.65 5.42
CA THR A 40 -4.34 6.76 4.95
C THR A 40 -2.91 6.59 5.46
N THR A 41 -2.76 6.21 6.72
CA THR A 41 -1.42 6.01 7.28
C THR A 41 -0.75 4.85 6.55
N SER A 42 -1.43 3.72 6.41
CA SER A 42 -0.82 2.59 5.69
C SER A 42 -0.41 2.98 4.27
N THR A 43 -1.29 3.68 3.55
CA THR A 43 -0.96 4.11 2.20
C THR A 43 0.30 4.99 2.23
N ALA A 44 0.35 5.94 3.16
CA ALA A 44 1.51 6.83 3.27
C ALA A 44 2.77 6.06 3.65
N LEU A 45 2.63 5.12 4.58
CA LEU A 45 3.78 4.32 5.00
C LEU A 45 4.27 3.50 3.82
N GLY A 46 3.32 3.00 3.02
CA GLY A 46 3.72 2.20 1.87
C GLY A 46 4.52 2.98 0.85
N LYS A 47 4.15 4.24 0.61
CA LYS A 47 4.86 5.05 -0.37
C LYS A 47 6.26 5.37 0.14
N LEU A 48 6.36 5.64 1.44
CA LEU A 48 7.66 5.94 2.02
C LEU A 48 8.59 4.74 1.85
N GLN A 49 8.08 3.56 2.16
CA GLN A 49 8.88 2.34 2.03
C GLN A 49 9.42 2.19 0.60
N ASP A 50 8.54 2.33 -0.40
CA ASP A 50 8.97 2.23 -1.80
C ASP A 50 10.11 3.19 -2.16
N VAL A 51 9.93 4.47 -1.84
CA VAL A 51 10.93 5.49 -2.17
C VAL A 51 12.23 5.26 -1.41
N VAL A 52 12.12 5.05 -0.11
CA VAL A 52 13.30 4.80 0.72
C VAL A 52 14.11 3.62 0.17
N ASN A 53 13.42 2.54 -0.19
CA ASN A 53 14.12 1.37 -0.70
C ASN A 53 14.67 1.61 -2.09
N GLN A 54 13.91 2.30 -2.92
CA GLN A 54 14.40 2.56 -4.27
C GLN A 54 15.61 3.48 -4.23
N ASN A 55 15.65 4.40 -3.27
CA ASN A 55 16.77 5.31 -3.12
C ASN A 55 17.96 4.60 -2.50
N ALA A 56 17.68 3.58 -1.68
CA ALA A 56 18.73 2.78 -1.05
C ALA A 56 19.48 2.02 -2.15
N GLN A 57 18.69 1.38 -3.03
CA GLN A 57 19.22 0.59 -4.12
C GLN A 57 19.93 1.42 -5.17
N ALA A 58 19.51 2.68 -5.29
CA ALA A 58 20.15 3.57 -6.24
C ALA A 58 21.53 3.88 -5.67
N LEU A 59 21.58 4.21 -4.39
CA LEU A 59 22.85 4.53 -3.76
C LEU A 59 23.82 3.33 -3.83
N ASN A 60 23.33 2.12 -3.59
CA ASN A 60 24.20 0.96 -3.68
C ASN A 60 24.66 0.72 -5.11
N THR A 61 23.75 0.84 -6.06
CA THR A 61 24.13 0.65 -7.45
C THR A 61 25.24 1.63 -7.82
N LEU A 62 25.14 2.84 -7.28
CA LEU A 62 26.15 3.88 -7.53
C LEU A 62 27.50 3.51 -6.89
N VAL A 63 27.50 3.16 -5.61
CA VAL A 63 28.74 2.79 -4.94
C VAL A 63 29.43 1.70 -5.75
N LYS A 64 28.64 0.74 -6.24
CA LYS A 64 29.14 -0.37 -7.03
C LYS A 64 29.90 0.12 -8.26
N GLN A 65 29.31 1.06 -8.99
CA GLN A 65 29.97 1.55 -10.19
C GLN A 65 31.18 2.42 -9.86
N LEU A 66 31.02 3.31 -8.88
CA LEU A 66 32.09 4.20 -8.48
C LEU A 66 33.36 3.47 -8.08
N SER A 67 33.20 2.40 -7.30
CA SER A 67 34.33 1.62 -6.84
C SER A 67 35.09 1.16 -8.07
N SER A 68 34.34 0.63 -9.02
CA SER A 68 34.88 0.15 -10.27
C SER A 68 35.65 1.26 -10.98
N ASN A 69 35.05 2.45 -11.04
CA ASN A 69 35.70 3.59 -11.68
C ASN A 69 37.03 3.99 -11.06
N PHE A 70 37.07 4.11 -9.75
CA PHE A 70 38.32 4.50 -9.11
C PHE A 70 39.39 3.41 -9.21
N GLY A 71 38.96 2.16 -9.30
CA GLY A 71 39.93 1.09 -9.45
C GLY A 71 40.59 1.33 -10.81
N ALA A 72 39.77 1.54 -11.82
CA ALA A 72 40.22 1.77 -13.18
C ALA A 72 41.11 3.01 -13.30
N ILE A 73 40.62 4.14 -12.79
CA ILE A 73 41.38 5.39 -12.84
C ILE A 73 42.77 5.26 -12.25
N SER A 74 42.86 4.66 -11.06
CA SER A 74 44.15 4.52 -10.40
C SER A 74 45.07 3.63 -11.25
N SER A 75 44.47 2.67 -11.92
CA SER A 75 45.23 1.76 -12.75
C SER A 75 45.82 2.50 -13.97
N VAL A 76 44.98 3.29 -14.63
CA VAL A 76 45.44 4.03 -15.80
C VAL A 76 46.51 5.05 -15.44
N LEU A 77 46.35 5.75 -14.32
CA LEU A 77 47.33 6.74 -13.91
C LEU A 77 48.66 6.08 -13.61
N ASN A 78 48.61 4.85 -13.10
CA ASN A 78 49.82 4.13 -12.78
C ASN A 78 50.57 3.77 -14.05
N ASP A 79 49.84 3.34 -15.07
CA ASP A 79 50.45 2.99 -16.35
C ASP A 79 51.12 4.23 -16.92
N ILE A 80 50.37 5.34 -16.93
CA ILE A 80 50.88 6.60 -17.45
C ILE A 80 52.16 6.99 -16.76
N LEU A 81 52.11 7.14 -15.44
CA LEU A 81 53.29 7.50 -14.67
C LEU A 81 54.44 6.58 -15.08
N SER A 82 54.15 5.30 -15.24
CA SER A 82 55.15 4.33 -15.62
C SER A 82 55.81 4.74 -16.94
N ARG A 83 55.01 4.95 -17.98
CA ARG A 83 55.54 5.35 -19.28
C ARG A 83 56.48 6.54 -19.14
N LEU A 84 55.96 7.64 -18.58
CA LEU A 84 56.76 8.84 -18.38
C LEU A 84 58.15 8.46 -17.90
N ASP A 85 58.22 7.61 -16.89
CA ASP A 85 59.50 7.17 -16.36
C ASP A 85 60.36 6.72 -17.53
N LYS A 86 59.87 5.75 -18.28
CA LYS A 86 60.61 5.25 -19.44
C LYS A 86 60.90 6.36 -20.43
N VAL A 87 59.91 7.20 -20.71
CA VAL A 87 60.10 8.30 -21.64
C VAL A 87 61.16 9.27 -21.14
N GLU A 88 61.01 9.71 -19.90
CA GLU A 88 61.96 10.64 -19.30
C GLU A 88 63.34 9.99 -19.21
N ALA A 89 63.36 8.66 -19.18
CA ALA A 89 64.62 7.92 -19.11
C ALA A 89 65.26 7.95 -20.49
N GLU A 90 64.49 7.55 -21.50
CA GLU A 90 64.96 7.54 -22.88
C GLU A 90 65.38 8.95 -23.29
N VAL A 91 64.54 9.93 -22.97
CA VAL A 91 64.82 11.32 -23.31
C VAL A 91 66.04 11.80 -22.52
N LEU A 108 43.65 8.07 -3.31
CA LEU A 108 42.59 7.39 -4.04
C LEU A 108 42.00 6.27 -3.19
N GLY A 109 40.97 6.60 -2.42
CA GLY A 109 40.35 5.60 -1.56
C GLY A 109 39.13 4.92 -2.15
N ASP A 110 39.05 3.61 -1.95
CA ASP A 110 37.92 2.84 -2.44
C ASP A 110 36.70 3.11 -1.56
N ILE A 111 35.51 3.06 -2.13
CA ILE A 111 34.29 3.31 -1.38
C ILE A 111 33.32 2.13 -1.41
N SER A 112 33.78 0.98 -1.89
CA SER A 112 32.93 -0.19 -1.99
C SER A 112 32.26 -0.58 -0.67
N GLY A 113 32.80 -0.14 0.46
CA GLY A 113 32.21 -0.49 1.74
C GLY A 113 30.96 0.28 2.13
N ILE A 114 30.72 1.42 1.50
CA ILE A 114 29.54 2.23 1.80
C ILE A 114 28.32 1.47 1.34
N ASN A 115 27.38 1.23 2.25
CA ASN A 115 26.19 0.49 1.91
C ASN A 115 24.90 1.09 2.46
N ALA A 116 23.88 1.16 1.63
CA ALA A 116 22.60 1.69 2.05
C ALA A 116 21.76 0.49 2.41
N SER A 117 21.03 0.59 3.50
CA SER A 117 20.19 -0.53 3.91
C SER A 117 18.77 -0.27 3.44
N VAL A 118 17.94 -1.30 3.41
CA VAL A 118 16.56 -1.16 2.98
C VAL A 118 15.68 -1.43 4.18
N VAL A 119 14.46 -0.92 4.13
CA VAL A 119 13.54 -1.12 5.24
C VAL A 119 12.44 -2.09 4.84
N ASN A 120 11.90 -2.80 5.82
CA ASN A 120 10.81 -3.72 5.56
C ASN A 120 9.73 -3.55 6.61
N ILE A 121 8.70 -2.79 6.26
CA ILE A 121 7.59 -2.53 7.17
C ILE A 121 6.29 -3.06 6.58
N GLN A 122 6.42 -3.94 5.59
CA GLN A 122 5.27 -4.50 4.93
C GLN A 122 4.31 -5.13 5.91
N LYS A 123 4.87 -5.79 6.93
CA LYS A 123 4.06 -6.43 7.95
C LYS A 123 3.24 -5.43 8.75
N GLU A 124 3.82 -4.29 9.05
CA GLU A 124 3.08 -3.27 9.80
C GLU A 124 2.02 -2.65 8.90
N ILE A 125 2.36 -2.45 7.63
CA ILE A 125 1.41 -1.90 6.69
C ILE A 125 0.21 -2.87 6.57
N ASP A 126 0.48 -4.16 6.38
CA ASP A 126 -0.62 -5.11 6.26
C ASP A 126 -1.44 -5.16 7.54
N ARG A 127 -0.78 -4.99 8.67
CA ARG A 127 -1.49 -5.03 9.95
C ARG A 127 -2.42 -3.83 10.06
N LEU A 128 -2.00 -2.67 9.54
CA LEU A 128 -2.88 -1.50 9.63
C LEU A 128 -4.14 -1.74 8.81
N ASN A 129 -4.01 -2.33 7.63
CA ASN A 129 -5.16 -2.58 6.79
C ASN A 129 -6.10 -3.62 7.40
N GLU A 130 -5.55 -4.61 8.09
CA GLU A 130 -6.39 -5.63 8.72
C GLU A 130 -7.21 -4.99 9.85
N VAL A 131 -6.55 -4.16 10.66
CA VAL A 131 -7.24 -3.49 11.76
C VAL A 131 -8.35 -2.60 11.23
N ALA A 132 -8.09 -1.91 10.11
CA ALA A 132 -9.10 -1.05 9.52
C ALA A 132 -10.30 -1.90 9.12
N LYS A 133 -10.03 -3.03 8.48
CA LYS A 133 -11.11 -3.93 8.06
C LYS A 133 -11.86 -4.51 9.27
N ASN A 134 -11.14 -4.85 10.33
CA ASN A 134 -11.77 -5.43 11.51
C ASN A 134 -12.59 -4.49 12.37
N LEU A 135 -12.36 -3.18 12.26
CA LEU A 135 -13.13 -2.23 13.05
C LEU A 135 -14.61 -2.24 12.66
N ASN A 136 -14.92 -2.82 11.51
CA ASN A 136 -16.31 -2.93 11.08
C ASN A 136 -17.01 -3.87 12.04
N GLU A 137 -16.22 -4.73 12.69
CA GLU A 137 -16.76 -5.68 13.65
C GLU A 137 -16.90 -5.07 15.03
N SER A 138 -16.53 -3.81 15.16
CA SER A 138 -16.63 -3.12 16.44
C SER A 138 -17.70 -2.02 16.39
N LEU A 139 -18.49 -1.99 15.33
CA LEU A 139 -19.55 -1.00 15.19
C LEU A 139 -20.69 -1.32 16.16
N ILE A 140 -21.47 -0.31 16.52
CA ILE A 140 -22.57 -0.54 17.43
C ILE A 140 -23.93 -0.62 16.76
N ASP A 141 -24.61 -1.74 16.94
CA ASP A 141 -25.94 -1.97 16.38
C ASP A 141 -26.93 -1.90 17.52
N LEU A 142 -27.31 -0.68 17.86
CA LEU A 142 -28.22 -0.43 18.96
C LEU A 142 -29.61 -1.07 18.84
N GLN A 143 -30.02 -1.78 19.88
CA GLN A 143 -31.35 -2.41 19.91
C GLN A 143 -32.33 -1.25 20.03
N GLU A 144 -33.22 -1.10 19.05
CA GLU A 144 -34.17 0.00 19.08
C GLU A 144 -35.44 -0.27 19.88
N LEU A 145 -35.90 0.75 20.59
CA LEU A 145 -37.12 0.65 21.37
C LEU A 145 -38.23 1.34 20.59
N GLY A 146 -39.14 0.55 20.04
CA GLY A 146 -40.23 1.11 19.26
C GLY A 146 -40.93 2.29 19.90
N LYS A 147 -41.19 2.19 21.20
CA LYS A 147 -41.89 3.24 21.93
C LYS A 147 -41.24 4.61 21.82
N TYR A 148 -40.04 4.68 21.26
CA TYR A 148 -39.35 5.96 21.12
C TYR A 148 -38.95 6.20 19.67
N GLU A 149 -39.11 5.18 18.83
CA GLU A 149 -38.78 5.31 17.43
C GLU A 149 -39.94 5.92 16.66
N GLY B 10 36.65 7.31 -39.00
CA GLY B 10 36.79 8.70 -38.48
C GLY B 10 35.56 9.14 -37.70
N VAL B 11 34.56 9.62 -38.43
CA VAL B 11 33.32 10.06 -37.81
C VAL B 11 32.48 8.84 -37.45
N THR B 12 32.59 7.79 -38.26
CA THR B 12 31.83 6.57 -38.02
C THR B 12 32.04 6.10 -36.59
N GLN B 13 33.29 6.06 -36.17
CA GLN B 13 33.62 5.64 -34.81
C GLN B 13 32.98 6.62 -33.83
N ASN B 14 32.87 7.88 -34.24
CA ASN B 14 32.29 8.92 -33.39
C ASN B 14 30.76 8.95 -33.37
N VAL B 15 30.13 8.52 -34.46
CA VAL B 15 28.67 8.52 -34.51
C VAL B 15 28.12 7.33 -33.72
N LEU B 16 28.82 6.20 -33.79
CA LEU B 16 28.42 5.00 -33.06
C LEU B 16 28.41 5.34 -31.56
N TYR B 17 29.46 6.00 -31.09
CA TYR B 17 29.55 6.37 -29.68
C TYR B 17 28.44 7.33 -29.29
N GLU B 18 28.19 8.33 -30.13
CA GLU B 18 27.14 9.28 -29.82
C GLU B 18 25.80 8.52 -29.79
N ASN B 19 25.66 7.53 -30.65
CA ASN B 19 24.43 6.74 -30.68
C ASN B 19 24.30 5.94 -29.39
N GLN B 20 25.42 5.42 -28.89
CA GLN B 20 25.39 4.64 -27.65
C GLN B 20 24.98 5.51 -26.46
N LYS B 21 25.50 6.74 -26.42
CA LYS B 21 25.14 7.62 -25.32
C LYS B 21 23.63 7.88 -25.37
N GLN B 22 23.08 8.07 -26.56
CA GLN B 22 21.64 8.32 -26.66
C GLN B 22 20.88 7.07 -26.23
N ILE B 23 21.23 5.93 -26.81
CA ILE B 23 20.58 4.66 -26.47
C ILE B 23 20.53 4.50 -24.95
N ALA B 24 21.68 4.69 -24.30
CA ALA B 24 21.77 4.57 -22.85
C ALA B 24 20.99 5.63 -22.10
N ASN B 25 21.06 6.89 -22.54
CA ASN B 25 20.34 7.96 -21.86
C ASN B 25 18.83 7.76 -21.94
N GLN B 26 18.34 7.42 -23.13
CA GLN B 26 16.91 7.20 -23.35
C GLN B 26 16.40 5.98 -22.58
N PHE B 27 17.17 4.91 -22.61
CA PHE B 27 16.81 3.68 -21.91
C PHE B 27 16.65 3.96 -20.42
N ASN B 28 17.71 4.51 -19.81
CA ASN B 28 17.67 4.82 -18.38
C ASN B 28 16.51 5.74 -18.05
N LYS B 29 16.25 6.71 -18.91
CA LYS B 29 15.14 7.64 -18.70
C LYS B 29 13.83 6.84 -18.71
N ALA B 30 13.74 5.89 -19.62
CA ALA B 30 12.54 5.05 -19.74
C ALA B 30 12.37 4.19 -18.50
N ILE B 31 13.46 3.61 -18.02
CA ILE B 31 13.42 2.76 -16.84
C ILE B 31 12.87 3.52 -15.64
N SER B 32 13.39 4.73 -15.42
CA SER B 32 12.94 5.55 -14.31
C SER B 32 11.44 5.78 -14.44
N GLN B 33 10.98 6.08 -15.65
CA GLN B 33 9.56 6.29 -15.92
C GLN B 33 8.75 5.04 -15.61
N ILE B 34 9.24 3.88 -16.04
CA ILE B 34 8.57 2.61 -15.80
C ILE B 34 8.46 2.29 -14.30
N GLN B 35 9.53 2.54 -13.54
CA GLN B 35 9.53 2.31 -12.10
C GLN B 35 8.42 3.14 -11.48
N GLU B 36 8.40 4.43 -11.84
CA GLU B 36 7.37 5.33 -11.35
C GLU B 36 5.98 4.75 -11.65
N SER B 37 5.81 4.17 -12.84
CA SER B 37 4.51 3.61 -13.23
C SER B 37 4.19 2.35 -12.42
N LEU B 38 5.20 1.55 -12.14
CA LEU B 38 4.98 0.33 -11.35
C LEU B 38 4.58 0.71 -9.94
N THR B 39 5.28 1.65 -9.33
CA THR B 39 4.96 2.09 -7.97
C THR B 39 3.55 2.67 -7.93
N THR B 40 3.20 3.40 -8.96
CA THR B 40 1.88 3.99 -9.06
C THR B 40 0.79 2.92 -9.19
N THR B 41 1.03 1.92 -10.04
CA THR B 41 0.07 0.85 -10.21
C THR B 41 -0.11 0.13 -8.88
N SER B 42 0.98 -0.31 -8.25
CA SER B 42 0.88 -1.00 -6.97
C SER B 42 0.13 -0.16 -5.92
N THR B 43 0.41 1.14 -5.88
CA THR B 43 -0.27 1.99 -4.91
C THR B 43 -1.77 1.99 -5.22
N ALA B 44 -2.13 2.17 -6.48
CA ALA B 44 -3.54 2.19 -6.87
C ALA B 44 -4.16 0.83 -6.53
N LEU B 45 -3.44 -0.24 -6.83
CA LEU B 45 -3.93 -1.57 -6.55
C LEU B 45 -4.15 -1.72 -5.04
N GLY B 46 -3.21 -1.19 -4.25
CA GLY B 46 -3.35 -1.29 -2.80
C GLY B 46 -4.58 -0.59 -2.26
N LYS B 47 -4.89 0.58 -2.78
CA LYS B 47 -6.06 1.32 -2.32
C LYS B 47 -7.34 0.57 -2.69
N LEU B 48 -7.37 -0.06 -3.87
CA LEU B 48 -8.55 -0.81 -4.29
C LEU B 48 -8.77 -1.99 -3.36
N GLN B 49 -7.70 -2.74 -3.09
CA GLN B 49 -7.80 -3.89 -2.20
C GLN B 49 -8.45 -3.44 -0.86
N ASP B 50 -7.94 -2.37 -0.28
CA ASP B 50 -8.49 -1.87 0.99
C ASP B 50 -9.99 -1.56 0.94
N VAL B 51 -10.41 -0.71 0.00
CA VAL B 51 -11.81 -0.33 -0.11
C VAL B 51 -12.69 -1.54 -0.44
N VAL B 52 -12.26 -2.35 -1.41
CA VAL B 52 -13.01 -3.53 -1.77
C VAL B 52 -13.22 -4.44 -0.56
N ASN B 53 -12.17 -4.67 0.21
CA ASN B 53 -12.31 -5.53 1.38
C ASN B 53 -13.12 -4.89 2.48
N GLN B 54 -12.96 -3.59 2.68
CA GLN B 54 -13.72 -2.94 3.72
C GLN B 54 -15.21 -2.90 3.38
N ASN B 55 -15.53 -2.76 2.08
CA ASN B 55 -16.92 -2.76 1.66
C ASN B 55 -17.52 -4.16 1.73
N ALA B 56 -16.66 -5.17 1.58
CA ALA B 56 -17.08 -6.57 1.67
C ALA B 56 -17.49 -6.86 3.12
N GLN B 57 -16.63 -6.48 4.06
CA GLN B 57 -16.86 -6.69 5.50
C GLN B 57 -18.06 -5.89 6.00
N ALA B 58 -18.30 -4.75 5.37
CA ALA B 58 -19.46 -3.95 5.74
C ALA B 58 -20.72 -4.68 5.28
N LEU B 59 -20.65 -5.29 4.09
CA LEU B 59 -21.81 -6.02 3.58
C LEU B 59 -22.08 -7.27 4.44
N ASN B 60 -21.03 -7.99 4.83
CA ASN B 60 -21.23 -9.16 5.66
C ASN B 60 -21.69 -8.78 7.07
N THR B 61 -21.14 -7.70 7.62
CA THR B 61 -21.55 -7.28 8.95
C THR B 61 -23.04 -6.94 8.88
N LEU B 62 -23.44 -6.31 7.77
CA LEU B 62 -24.83 -5.95 7.56
C LEU B 62 -25.77 -7.17 7.45
N VAL B 63 -25.42 -8.12 6.60
CA VAL B 63 -26.24 -9.32 6.44
C VAL B 63 -26.47 -9.96 7.83
N LYS B 64 -25.39 -10.07 8.60
CA LYS B 64 -25.42 -10.64 9.94
C LYS B 64 -26.49 -9.99 10.81
N GLN B 65 -26.53 -8.67 10.83
CA GLN B 65 -27.52 -7.99 11.66
C GLN B 65 -28.91 -8.10 11.06
N LEU B 66 -29.00 -7.98 9.74
CA LEU B 66 -30.29 -8.07 9.07
C LEU B 66 -30.98 -9.40 9.32
N SER B 67 -30.20 -10.49 9.27
CA SER B 67 -30.77 -11.81 9.50
C SER B 67 -31.37 -11.83 10.89
N SER B 68 -30.65 -11.21 11.83
CA SER B 68 -31.08 -11.12 13.21
C SER B 68 -32.41 -10.39 13.31
N ASN B 69 -32.53 -9.28 12.59
CA ASN B 69 -33.75 -8.48 12.62
C ASN B 69 -34.99 -9.19 12.10
N PHE B 70 -34.86 -9.86 10.97
CA PHE B 70 -36.00 -10.55 10.41
C PHE B 70 -36.41 -11.74 11.26
N GLY B 71 -35.45 -12.36 11.93
CA GLY B 71 -35.79 -13.46 12.80
C GLY B 71 -36.70 -12.91 13.88
N ALA B 72 -36.25 -11.83 14.52
CA ALA B 72 -36.99 -11.16 15.58
C ALA B 72 -38.36 -10.65 15.12
N ILE B 73 -38.41 -9.96 14.00
CA ILE B 73 -39.67 -9.43 13.48
C ILE B 73 -40.72 -10.51 13.27
N SER B 74 -40.32 -11.65 12.70
CA SER B 74 -41.25 -12.75 12.46
C SER B 74 -41.71 -13.36 13.77
N SER B 75 -40.86 -13.28 14.77
CA SER B 75 -41.20 -13.82 16.07
C SER B 75 -42.27 -12.96 16.73
N VAL B 76 -42.03 -11.65 16.74
CA VAL B 76 -42.98 -10.74 17.35
C VAL B 76 -44.33 -10.77 16.64
N LEU B 77 -44.31 -10.80 15.31
CA LEU B 77 -45.55 -10.82 14.54
C LEU B 77 -46.34 -12.10 14.81
N ASN B 78 -45.63 -13.17 15.13
CA ASN B 78 -46.29 -14.43 15.43
C ASN B 78 -46.96 -14.33 16.80
N ASP B 79 -46.25 -13.71 17.74
CA ASP B 79 -46.78 -13.52 19.09
C ASP B 79 -48.05 -12.68 19.00
N ILE B 80 -47.96 -11.58 18.26
CA ILE B 80 -49.09 -10.68 18.10
C ILE B 80 -50.30 -11.39 17.52
N LEU B 81 -50.12 -11.99 16.35
CA LEU B 81 -51.21 -12.72 15.71
C LEU B 81 -51.82 -13.69 16.71
N SER B 82 -50.96 -14.34 17.48
CA SER B 82 -51.40 -15.30 18.47
C SER B 82 -52.38 -14.64 19.43
N ARG B 83 -51.95 -13.56 20.09
CA ARG B 83 -52.81 -12.83 21.02
C ARG B 83 -54.16 -12.53 20.39
N LEU B 84 -54.16 -11.83 19.26
CA LEU B 84 -55.40 -11.50 18.57
C LEU B 84 -56.34 -12.68 18.59
N ASP B 85 -55.83 -13.85 18.22
CA ASP B 85 -56.64 -15.06 18.23
C ASP B 85 -57.34 -15.14 19.58
N LYS B 86 -56.56 -15.17 20.65
CA LYS B 86 -57.11 -15.24 21.99
C LYS B 86 -58.07 -14.09 22.25
N VAL B 87 -57.67 -12.88 21.89
CA VAL B 87 -58.51 -11.71 22.10
C VAL B 87 -59.80 -11.84 21.32
N GLU B 88 -59.70 -12.12 20.03
CA GLU B 88 -60.89 -12.28 19.19
C GLU B 88 -61.74 -13.44 19.67
N ALA B 89 -61.12 -14.37 20.38
CA ALA B 89 -61.84 -15.53 20.91
C ALA B 89 -62.61 -15.07 22.13
N GLU B 90 -61.91 -14.44 23.07
CA GLU B 90 -62.53 -13.93 24.29
C GLU B 90 -63.63 -12.94 23.93
N VAL B 91 -63.32 -12.03 23.01
CA VAL B 91 -64.28 -11.03 22.56
C VAL B 91 -65.43 -11.74 21.84
N LEU B 108 -41.30 -13.95 4.55
CA LEU B 108 -40.21 -13.42 5.37
C LEU B 108 -38.97 -14.29 5.20
N GLY B 109 -38.19 -14.01 4.17
CA GLY B 109 -37.01 -14.80 3.90
C GLY B 109 -35.74 -14.38 4.61
N ASP B 110 -34.99 -15.36 5.08
CA ASP B 110 -33.74 -15.10 5.76
C ASP B 110 -32.67 -14.84 4.71
N ILE B 111 -31.74 -13.93 4.99
CA ILE B 111 -30.69 -13.60 4.02
C ILE B 111 -29.29 -13.93 4.54
N SER B 112 -29.22 -14.68 5.63
CA SER B 112 -27.93 -15.02 6.22
C SER B 112 -26.95 -15.64 5.23
N GLY B 113 -27.48 -16.25 4.17
CA GLY B 113 -26.63 -16.89 3.19
C GLY B 113 -25.84 -15.94 2.30
N ILE B 114 -26.29 -14.70 2.15
CA ILE B 114 -25.58 -13.75 1.30
C ILE B 114 -24.22 -13.43 1.92
N ASN B 115 -23.17 -13.64 1.14
CA ASN B 115 -21.82 -13.40 1.63
C ASN B 115 -20.92 -12.70 0.64
N ALA B 116 -20.21 -11.69 1.12
CA ALA B 116 -19.30 -10.93 0.28
C ALA B 116 -17.93 -11.55 0.53
N SER B 117 -17.15 -11.73 -0.53
CA SER B 117 -15.83 -12.29 -0.36
C SER B 117 -14.83 -11.17 -0.39
N VAL B 118 -13.62 -11.44 0.11
CA VAL B 118 -12.57 -10.44 0.12
C VAL B 118 -11.50 -10.81 -0.89
N VAL B 119 -10.67 -9.85 -1.25
CA VAL B 119 -9.62 -10.12 -2.21
C VAL B 119 -8.25 -10.06 -1.54
N ASN B 120 -7.30 -10.79 -2.10
CA ASN B 120 -5.96 -10.80 -1.56
C ASN B 120 -4.96 -10.74 -2.71
N ILE B 121 -4.46 -9.54 -2.98
CA ILE B 121 -3.49 -9.33 -4.04
C ILE B 121 -2.23 -8.73 -3.46
N GLN B 122 -2.08 -8.88 -2.15
CA GLN B 122 -0.93 -8.33 -1.43
C GLN B 122 0.36 -8.82 -2.04
N LYS B 123 0.37 -10.07 -2.49
CA LYS B 123 1.56 -10.66 -3.08
C LYS B 123 1.88 -10.02 -4.44
N GLU B 124 0.86 -9.72 -5.22
CA GLU B 124 1.10 -9.09 -6.51
C GLU B 124 1.58 -7.66 -6.26
N ILE B 125 0.96 -6.98 -5.30
CA ILE B 125 1.39 -5.63 -4.96
C ILE B 125 2.87 -5.67 -4.51
N ASP B 126 3.20 -6.59 -3.61
CA ASP B 126 4.58 -6.68 -3.14
C ASP B 126 5.56 -6.96 -4.29
N ARG B 127 5.12 -7.77 -5.24
CA ARG B 127 5.95 -8.12 -6.37
C ARG B 127 6.18 -6.90 -7.25
N LEU B 128 5.15 -6.11 -7.46
CA LEU B 128 5.34 -4.91 -8.29
C LEU B 128 6.42 -4.03 -7.65
N ASN B 129 6.30 -3.79 -6.35
CA ASN B 129 7.29 -2.96 -5.66
C ASN B 129 8.70 -3.55 -5.77
N GLU B 130 8.81 -4.87 -5.68
CA GLU B 130 10.13 -5.52 -5.78
C GLU B 130 10.70 -5.33 -7.20
N VAL B 131 9.87 -5.48 -8.21
CA VAL B 131 10.32 -5.29 -9.59
C VAL B 131 10.79 -3.85 -9.79
N ALA B 132 10.08 -2.90 -9.22
CA ALA B 132 10.46 -1.49 -9.33
C ALA B 132 11.85 -1.28 -8.72
N LYS B 133 12.06 -1.84 -7.53
CA LYS B 133 13.36 -1.69 -6.87
C LYS B 133 14.46 -2.38 -7.67
N ASN B 134 14.16 -3.55 -8.23
CA ASN B 134 15.14 -4.30 -8.98
C ASN B 134 15.53 -3.73 -10.34
N LEU B 135 14.67 -2.89 -10.92
CA LEU B 135 14.98 -2.30 -12.22
C LEU B 135 16.24 -1.42 -12.14
N ASN B 136 16.59 -1.00 -10.93
CA ASN B 136 17.78 -0.18 -10.73
C ASN B 136 18.99 -1.01 -11.15
N GLU B 137 18.84 -2.32 -11.08
CA GLU B 137 19.92 -3.22 -11.44
C GLU B 137 19.96 -3.48 -12.94
N SER B 138 19.06 -2.84 -13.67
CA SER B 138 19.01 -3.00 -15.12
C SER B 138 19.42 -1.72 -15.83
N LEU B 139 19.85 -0.73 -15.06
CA LEU B 139 20.29 0.54 -15.63
C LEU B 139 21.58 0.33 -16.43
N ILE B 140 21.81 1.16 -17.44
CA ILE B 140 23.00 1.00 -18.24
C ILE B 140 24.11 1.96 -17.85
N ASP B 141 25.29 1.41 -17.53
CA ASP B 141 26.44 2.21 -17.17
C ASP B 141 27.44 2.18 -18.31
N LEU B 142 27.20 3.02 -19.30
CA LEU B 142 28.05 3.10 -20.48
C LEU B 142 29.53 3.37 -20.21
N GLN B 143 30.40 2.55 -20.80
CA GLN B 143 31.85 2.74 -20.66
C GLN B 143 32.18 3.94 -21.54
N GLU B 144 32.71 5.00 -20.94
CA GLU B 144 33.01 6.20 -21.70
C GLU B 144 34.36 6.20 -22.42
N LEU B 145 34.37 6.74 -23.63
CA LEU B 145 35.58 6.84 -24.42
C LEU B 145 36.11 8.26 -24.31
N GLY B 146 37.21 8.43 -23.60
CA GLY B 146 37.79 9.75 -23.42
C GLY B 146 37.91 10.56 -24.69
N LYS B 147 38.35 9.91 -25.76
CA LYS B 147 38.53 10.57 -27.04
C LYS B 147 37.29 11.26 -27.60
N TYR B 148 36.14 11.05 -26.97
CA TYR B 148 34.91 11.68 -27.42
C TYR B 148 34.22 12.43 -26.29
N GLU B 149 34.73 12.27 -25.08
CA GLU B 149 34.15 12.95 -23.93
C GLU B 149 34.74 14.36 -23.81
CL CL C . -25.91 3.94 27.35
CL CL D . 16.07 7.91 2.18
CL CL E . -16.79 -3.56 -4.16
CL CL F . 25.58 0.44 -29.57
#